data_5UIP
#
_entry.id   5UIP
#
_cell.length_a   38.597
_cell.length_b   46.115
_cell.length_c   47.982
_cell.angle_alpha   78.04
_cell.angle_beta   75.80
_cell.angle_gamma   75.53
#
_symmetry.space_group_name_H-M   'P 1'
#
loop_
_entity.id
_entity.type
_entity.pdbx_description
1 polymer 'Dihydrofolate reductase'
2 non-polymer 'N-(4-aminobenzene-1-carbonyl)-L-glutamic acid'
3 non-polymer PYRIMIDINE-2,4-DIAMINE
4 non-polymer 'NADP NICOTINAMIDE-ADENINE-DINUCLEOTIDE PHOSPHATE'
5 non-polymer 'SODIUM ION'
6 water water
#
_entity_poly.entity_id   1
_entity_poly.type   'polypeptide(L)'
_entity_poly.pdbx_seq_one_letter_code
;GISLIAALAVDRVIGMENAMPWNLPADLAWFKRNTLNKPVIMGRHTWESIGRPLPGRKNIILSSQPGTDDRVTWVKSVDE
AIAACGDVPEIMVIGGGRVYEQFLPKAQKLYLTHIDAEVEGDTHFPDYEPDDWESVFSEFHDADAQNSHSYSFEILERRG
GGG
;
_entity_poly.pdbx_strand_id   A,B
#
# COMPACT_ATOMS: atom_id res chain seq x y z
N GLY A 1 -3.14 24.14 -6.07
CA GLY A 1 -2.58 23.43 -4.89
C GLY A 1 -1.35 22.61 -5.24
N ILE A 2 -0.69 22.09 -4.21
CA ILE A 2 0.49 21.24 -4.39
C ILE A 2 0.05 19.80 -4.50
N SER A 3 0.59 19.10 -5.49
CA SER A 3 0.26 17.69 -5.72
C SER A 3 1.55 16.87 -5.77
N LEU A 4 1.47 15.66 -5.22
CA LEU A 4 2.52 14.66 -5.35
C LEU A 4 2.10 13.61 -6.37
N ILE A 5 3.04 13.21 -7.23
CA ILE A 5 2.82 12.13 -8.19
C ILE A 5 3.97 11.14 -8.06
N ALA A 6 3.64 9.88 -7.84
CA ALA A 6 4.64 8.85 -7.54
C ALA A 6 4.16 7.49 -8.01
N ALA A 7 5.12 6.61 -8.26
CA ALA A 7 4.87 5.21 -8.60
C ALA A 7 5.47 4.32 -7.52
N LEU A 8 4.64 3.47 -6.92
CA LEU A 8 4.95 2.69 -5.73
C LEU A 8 4.82 1.19 -6.00
N ALA A 9 5.86 0.44 -5.64
CA ALA A 9 5.71 -0.99 -5.46
C ALA A 9 5.12 -1.25 -4.08
N VAL A 10 4.96 -2.53 -3.71
CA VAL A 10 4.44 -2.80 -2.39
C VAL A 10 5.44 -2.28 -1.35
N ASP A 11 4.94 -2.15 -0.13
CA ASP A 11 5.69 -1.55 0.98
C ASP A 11 6.13 -0.12 0.67
N ARG A 12 5.41 0.55 -0.23
CA ARG A 12 5.63 1.96 -0.54
C ARG A 12 6.99 2.23 -1.19
N VAL A 13 7.62 1.19 -1.77
CA VAL A 13 8.92 1.36 -2.38
C VAL A 13 8.81 2.21 -3.64
N ILE A 14 9.63 3.25 -3.73
CA ILE A 14 9.67 4.10 -4.91
C ILE A 14 11.03 4.11 -5.59
N GLY A 15 12.12 3.75 -4.91
CA GLY A 15 13.43 3.85 -5.53
C GLY A 15 14.45 2.91 -4.90
N MET A 16 15.56 2.76 -5.61
CA MET A 16 16.68 1.94 -5.16
C MET A 16 17.93 2.42 -5.88
N GLU A 17 19.06 1.78 -5.58
CA GLU A 17 20.34 2.20 -6.14
C GLU A 17 20.40 1.96 -7.64
N ASN A 18 19.88 0.82 -8.09
CA ASN A 18 19.87 0.46 -9.50
C ASN A 18 18.50 0.74 -10.10
N ALA A 19 18.43 0.66 -11.43
CA ALA A 19 17.18 0.92 -12.13
C ALA A 19 16.09 -0.03 -11.63
N MET A 20 14.87 0.46 -11.60
CA MET A 20 13.75 -0.36 -11.13
C MET A 20 13.54 -1.53 -12.10
N PRO A 21 13.21 -2.77 -11.57
CA PRO A 21 13.07 -3.95 -12.44
C PRO A 21 11.65 -4.09 -13.01
N TRP A 22 11.24 -3.08 -13.78
CA TRP A 22 9.95 -3.14 -14.46
C TRP A 22 10.01 -2.22 -15.66
N ASN A 23 9.02 -2.36 -16.53
CA ASN A 23 8.92 -1.58 -17.76
C ASN A 23 7.45 -1.20 -17.90
N LEU A 24 7.13 0.06 -17.59
CA LEU A 24 5.75 0.51 -17.47
C LEU A 24 5.54 1.79 -18.28
N PRO A 25 5.55 1.69 -19.60
CA PRO A 25 5.31 2.88 -20.42
C PRO A 25 3.95 3.52 -20.17
N ALA A 26 2.93 2.73 -19.81
CA ALA A 26 1.62 3.31 -19.53
C ALA A 26 1.65 4.22 -18.31
N ASP A 27 2.49 3.91 -17.32
CA ASP A 27 2.63 4.81 -16.18
C ASP A 27 3.33 6.10 -16.57
N LEU A 28 4.30 6.02 -17.49
CA LEU A 28 4.99 7.25 -17.92
C LEU A 28 4.06 8.13 -18.74
N ALA A 29 3.18 7.53 -19.54
CA ALA A 29 2.17 8.32 -20.24
C ALA A 29 1.22 8.96 -19.25
N TRP A 30 0.84 8.23 -18.19
CA TRP A 30 0.04 8.79 -17.12
C TRP A 30 0.77 9.95 -16.45
N PHE A 31 2.07 9.78 -16.17
CA PHE A 31 2.86 10.84 -15.57
C PHE A 31 2.89 12.07 -16.47
N LYS A 32 3.25 11.88 -17.74
CA LYS A 32 3.28 13.00 -18.68
C LYS A 32 1.92 13.68 -18.76
N ARG A 33 0.86 12.88 -18.88
N ARG A 33 0.86 12.89 -18.88
CA ARG A 33 -0.50 13.41 -19.01
CA ARG A 33 -0.49 13.45 -19.02
C ARG A 33 -0.83 14.36 -17.85
C ARG A 33 -0.83 14.37 -17.85
N ASN A 34 -0.43 13.99 -16.63
CA ASN A 34 -0.82 14.74 -15.45
C ASN A 34 0.18 15.83 -15.03
N THR A 35 1.34 15.93 -15.69
CA THR A 35 2.29 16.98 -15.35
C THR A 35 2.47 18.03 -16.45
N LEU A 36 1.97 17.79 -17.65
CA LEU A 36 2.26 18.68 -18.77
C LEU A 36 1.77 20.09 -18.50
N ASN A 37 2.61 21.07 -18.83
CA ASN A 37 2.27 22.49 -18.72
C ASN A 37 2.04 22.91 -17.27
N LYS A 38 2.66 22.21 -16.34
CA LYS A 38 2.68 22.58 -14.93
C LYS A 38 4.13 22.62 -14.47
N PRO A 39 4.43 23.37 -13.41
CA PRO A 39 5.78 23.28 -12.82
C PRO A 39 5.97 21.93 -12.15
N VAL A 40 7.15 21.36 -12.31
CA VAL A 40 7.53 20.11 -11.66
C VAL A 40 8.69 20.38 -10.72
N ILE A 41 8.54 19.99 -9.45
CA ILE A 41 9.59 20.12 -8.45
C ILE A 41 10.18 18.74 -8.21
N MET A 42 11.52 18.66 -8.22
CA MET A 42 12.20 17.39 -8.04
C MET A 42 13.51 17.62 -7.29
N GLY A 43 13.96 16.58 -6.59
CA GLY A 43 15.26 16.61 -5.97
C GLY A 43 16.37 16.31 -6.97
N ARG A 44 17.61 16.64 -6.56
CA ARG A 44 18.73 16.57 -7.47
C ARG A 44 18.94 15.15 -8.01
N HIS A 45 18.72 14.14 -7.17
CA HIS A 45 18.95 12.76 -7.62
C HIS A 45 17.91 12.35 -8.65
N THR A 46 16.66 12.77 -8.47
CA THR A 46 15.64 12.53 -9.49
C THR A 46 16.01 13.23 -10.80
N TRP A 47 16.47 14.47 -10.70
CA TRP A 47 16.91 15.20 -11.89
C TRP A 47 17.98 14.41 -12.65
N GLU A 48 18.94 13.83 -11.93
CA GLU A 48 20.02 13.12 -12.59
C GLU A 48 19.55 11.81 -13.21
N SER A 49 18.57 11.14 -12.60
CA SER A 49 18.09 9.88 -13.17
C SER A 49 17.19 10.12 -14.38
N ILE A 50 16.46 11.24 -14.41
CA ILE A 50 15.71 11.59 -15.62
C ILE A 50 16.67 11.92 -16.75
N GLY A 51 17.71 12.68 -16.46
CA GLY A 51 18.78 12.92 -17.42
C GLY A 51 18.57 14.07 -18.37
N ARG A 52 17.38 14.68 -18.37
N ARG A 52 17.38 14.68 -18.38
CA ARG A 52 17.04 15.75 -19.29
CA ARG A 52 17.09 15.78 -19.28
C ARG A 52 15.96 16.60 -18.67
C ARG A 52 15.97 16.60 -18.67
N PRO A 53 15.79 17.85 -19.13
CA PRO A 53 14.60 18.60 -18.74
C PRO A 53 13.34 17.94 -19.28
N LEU A 54 12.31 17.89 -18.45
CA LEU A 54 11.03 17.37 -18.93
C LEU A 54 10.38 18.42 -19.82
N PRO A 55 10.18 18.14 -21.10
CA PRO A 55 9.66 19.19 -22.00
C PRO A 55 8.23 19.56 -21.68
N GLY A 56 7.90 20.82 -21.95
CA GLY A 56 6.55 21.30 -21.73
C GLY A 56 6.23 21.59 -20.28
N ARG A 57 7.24 21.69 -19.42
CA ARG A 57 7.05 21.88 -18.00
C ARG A 57 8.18 22.74 -17.47
N LYS A 58 7.86 23.57 -16.48
CA LYS A 58 8.89 24.33 -15.77
C LYS A 58 9.56 23.41 -14.77
N ASN A 59 10.84 23.11 -15.00
CA ASN A 59 11.58 22.17 -14.18
C ASN A 59 12.26 22.92 -13.04
N ILE A 60 11.99 22.50 -11.80
CA ILE A 60 12.56 23.13 -10.61
C ILE A 60 13.29 22.06 -9.82
N ILE A 61 14.60 22.25 -9.62
CA ILE A 61 15.46 21.25 -8.98
C ILE A 61 15.86 21.76 -7.60
N LEU A 62 15.63 20.93 -6.58
CA LEU A 62 16.11 21.22 -5.24
C LEU A 62 17.55 20.71 -5.10
N SER A 63 18.43 21.56 -4.59
CA SER A 63 19.80 21.16 -4.29
C SER A 63 20.42 22.17 -3.34
N SER A 64 21.25 21.67 -2.42
CA SER A 64 22.00 22.55 -1.55
C SER A 64 23.13 23.26 -2.29
N GLN A 65 23.55 22.73 -3.44
CA GLN A 65 24.70 23.22 -4.17
C GLN A 65 24.29 24.01 -5.40
N PRO A 66 25.18 24.84 -5.94
CA PRO A 66 24.85 25.61 -7.15
C PRO A 66 24.42 24.70 -8.30
N GLY A 67 23.53 25.24 -9.13
CA GLY A 67 23.03 24.48 -10.26
C GLY A 67 24.10 24.24 -11.32
N THR A 68 23.86 23.21 -12.12
CA THR A 68 24.80 22.77 -13.15
C THR A 68 24.12 22.65 -14.52
N ASP A 69 22.99 23.32 -14.72
CA ASP A 69 22.28 23.24 -15.99
C ASP A 69 21.29 24.41 -16.04
N ASP A 70 21.59 25.40 -16.87
CA ASP A 70 20.75 26.59 -16.92
C ASP A 70 19.42 26.37 -17.63
N ARG A 71 19.21 25.18 -18.23
CA ARG A 71 17.92 24.89 -18.84
C ARG A 71 16.81 24.72 -17.81
N VAL A 72 17.15 24.55 -16.53
CA VAL A 72 16.17 24.33 -15.47
C VAL A 72 16.46 25.32 -14.34
N THR A 73 15.52 25.40 -13.41
CA THR A 73 15.60 26.32 -12.29
C THR A 73 16.07 25.57 -11.05
N TRP A 74 17.08 26.12 -10.38
CA TRP A 74 17.69 25.49 -9.21
C TRP A 74 17.35 26.30 -7.96
N VAL A 75 16.95 25.60 -6.90
CA VAL A 75 16.52 26.24 -5.66
C VAL A 75 17.16 25.50 -4.48
N LYS A 76 17.32 26.22 -3.37
CA LYS A 76 18.04 25.71 -2.21
C LYS A 76 17.16 25.43 -1.00
N SER A 77 15.83 25.51 -1.16
CA SER A 77 14.93 25.26 -0.04
C SER A 77 13.54 24.99 -0.58
N VAL A 78 12.71 24.39 0.27
CA VAL A 78 11.32 24.13 -0.09
C VAL A 78 10.60 25.44 -0.39
N ASP A 79 10.83 26.46 0.44
CA ASP A 79 10.16 27.75 0.21
C ASP A 79 10.59 28.37 -1.12
N GLU A 80 11.87 28.27 -1.46
CA GLU A 80 12.33 28.77 -2.76
C GLU A 80 11.70 28.00 -3.91
N ALA A 81 11.56 26.69 -3.74
CA ALA A 81 10.90 25.87 -4.77
C ALA A 81 9.48 26.35 -5.00
N ILE A 82 8.71 26.53 -3.93
CA ILE A 82 7.33 27.00 -4.05
C ILE A 82 7.30 28.39 -4.68
N ALA A 83 8.20 29.27 -4.27
CA ALA A 83 8.23 30.62 -4.82
C ALA A 83 8.50 30.59 -6.32
N ALA A 84 9.37 29.69 -6.78
CA ALA A 84 9.72 29.62 -8.18
C ALA A 84 8.56 29.15 -9.05
N CYS A 85 7.55 28.50 -8.46
CA CYS A 85 6.37 28.09 -9.21
C CYS A 85 5.45 29.26 -9.51
N GLY A 86 5.51 30.32 -8.73
CA GLY A 86 4.62 31.44 -8.94
C GLY A 86 3.19 31.08 -8.57
N ASP A 87 2.25 31.84 -9.12
CA ASP A 87 0.83 31.67 -8.85
C ASP A 87 0.24 30.82 -9.98
N VAL A 88 0.17 29.51 -9.76
CA VAL A 88 -0.31 28.60 -10.78
C VAL A 88 -1.39 27.71 -10.18
N PRO A 89 -2.26 27.14 -11.03
CA PRO A 89 -3.34 26.29 -10.49
C PRO A 89 -2.85 25.03 -9.79
N GLU A 90 -1.73 24.44 -10.23
CA GLU A 90 -1.29 23.18 -9.66
C GLU A 90 0.23 23.05 -9.75
N ILE A 91 0.84 22.66 -8.64
CA ILE A 91 2.27 22.40 -8.56
C ILE A 91 2.46 20.88 -8.43
N MET A 92 3.35 20.32 -9.26
CA MET A 92 3.58 18.89 -9.29
C MET A 92 4.93 18.56 -8.66
N VAL A 93 4.91 17.79 -7.58
CA VAL A 93 6.11 17.31 -6.92
C VAL A 93 6.33 15.87 -7.40
N ILE A 94 7.44 15.63 -8.08
CA ILE A 94 7.64 14.37 -8.80
C ILE A 94 8.71 13.49 -8.16
N GLY A 95 9.21 13.86 -6.98
CA GLY A 95 10.15 13.00 -6.26
C GLY A 95 11.45 13.70 -5.92
N GLY A 96 12.36 13.01 -5.22
CA GLY A 96 12.19 11.65 -4.75
C GLY A 96 11.72 11.55 -3.32
N GLY A 97 12.21 10.52 -2.61
CA GLY A 97 11.70 10.25 -1.27
C GLY A 97 11.86 11.42 -0.32
N ARG A 98 13.07 11.98 -0.26
N ARG A 98 13.08 11.97 -0.25
CA ARG A 98 13.31 13.12 0.62
CA ARG A 98 13.33 13.12 0.61
C ARG A 98 12.39 14.28 0.27
C ARG A 98 12.37 14.27 0.27
N VAL A 99 12.15 14.52 -1.01
CA VAL A 99 11.28 15.62 -1.42
C VAL A 99 9.83 15.33 -1.06
N TYR A 100 9.36 14.09 -1.33
CA TYR A 100 8.00 13.73 -0.94
C TYR A 100 7.76 13.96 0.54
N GLU A 101 8.71 13.56 1.39
CA GLU A 101 8.53 13.69 2.83
C GLU A 101 8.23 15.14 3.22
N GLN A 102 8.92 16.10 2.58
CA GLN A 102 8.78 17.50 2.94
C GLN A 102 7.50 18.12 2.39
N PHE A 103 7.03 17.65 1.23
CA PHE A 103 5.87 18.27 0.60
C PHE A 103 4.54 17.60 0.95
N LEU A 104 4.55 16.36 1.43
CA LEU A 104 3.29 15.68 1.73
C LEU A 104 2.40 16.47 2.68
N PRO A 105 2.90 17.00 3.82
CA PRO A 105 2.00 17.78 4.69
C PRO A 105 1.48 19.04 4.03
N LYS A 106 2.11 19.50 2.95
CA LYS A 106 1.62 20.65 2.19
C LYS A 106 0.68 20.27 1.06
N ALA A 107 0.55 18.98 0.75
CA ALA A 107 -0.13 18.56 -0.45
C ALA A 107 -1.65 18.49 -0.26
N GLN A 108 -2.36 18.80 -1.34
CA GLN A 108 -3.81 18.62 -1.39
C GLN A 108 -4.24 17.50 -2.32
N LYS A 109 -3.32 16.94 -3.10
CA LYS A 109 -3.67 15.93 -4.10
C LYS A 109 -2.51 14.96 -4.25
N LEU A 110 -2.84 13.67 -4.36
CA LEU A 110 -1.86 12.62 -4.64
C LEU A 110 -2.25 11.90 -5.92
N TYR A 111 -1.29 11.73 -6.81
CA TYR A 111 -1.44 10.89 -8.01
C TYR A 111 -0.53 9.69 -7.81
N LEU A 112 -1.11 8.54 -7.44
CA LEU A 112 -0.33 7.35 -7.11
C LEU A 112 -0.56 6.25 -8.12
N THR A 113 0.54 5.65 -8.58
CA THR A 113 0.51 4.43 -9.37
C THR A 113 0.93 3.28 -8.46
N HIS A 114 0.01 2.34 -8.24
CA HIS A 114 0.27 1.19 -7.39
C HIS A 114 0.66 0.01 -8.29
N ILE A 115 1.92 -0.41 -8.19
CA ILE A 115 2.48 -1.44 -9.06
C ILE A 115 2.47 -2.76 -8.30
N ASP A 116 1.95 -3.81 -8.94
CA ASP A 116 1.92 -5.14 -8.35
C ASP A 116 3.29 -5.80 -8.54
N ALA A 117 4.27 -5.28 -7.79
CA ALA A 117 5.62 -5.80 -7.83
C ALA A 117 6.21 -5.71 -6.43
N GLU A 118 7.09 -6.66 -6.11
CA GLU A 118 7.83 -6.64 -4.85
C GLU A 118 9.29 -6.36 -5.18
N VAL A 119 9.80 -5.25 -4.64
CA VAL A 119 11.13 -4.75 -4.97
C VAL A 119 11.76 -4.22 -3.69
N GLU A 120 12.95 -4.72 -3.37
CA GLU A 120 13.71 -4.18 -2.23
C GLU A 120 14.28 -2.83 -2.61
N GLY A 121 13.78 -1.77 -1.99
CA GLY A 121 14.22 -0.42 -2.30
C GLY A 121 14.88 0.27 -1.12
N ASP A 122 15.61 1.35 -1.39
CA ASP A 122 16.20 2.17 -0.35
C ASP A 122 15.42 3.46 -0.11
N THR A 123 14.32 3.67 -0.82
N THR A 123 14.33 3.69 -0.84
CA THR A 123 13.51 4.87 -0.70
CA THR A 123 13.52 4.89 -0.65
C THR A 123 12.05 4.49 -0.75
C THR A 123 12.05 4.50 -0.75
N HIS A 124 11.23 5.12 0.10
CA HIS A 124 9.81 4.82 0.18
C HIS A 124 8.99 6.09 0.16
N PHE A 125 7.80 6.00 -0.44
CA PHE A 125 6.82 7.06 -0.33
C PHE A 125 6.33 7.14 1.11
N PRO A 126 6.07 8.33 1.64
CA PRO A 126 5.67 8.42 3.05
C PRO A 126 4.35 7.70 3.30
N ASP A 127 4.20 7.21 4.53
CA ASP A 127 2.93 6.62 4.94
C ASP A 127 1.88 7.72 5.12
N TYR A 128 0.66 7.44 4.66
N TYR A 128 0.66 7.41 4.69
CA TYR A 128 -0.42 8.39 4.77
CA TYR A 128 -0.46 8.36 4.71
C TYR A 128 -1.66 7.70 5.32
C TYR A 128 -1.67 7.68 5.30
N GLU A 129 -2.47 8.47 6.03
CA GLU A 129 -3.66 7.94 6.70
C GLU A 129 -4.86 8.04 5.77
N PRO A 130 -5.52 6.93 5.44
CA PRO A 130 -6.69 7.02 4.54
C PRO A 130 -7.77 7.98 5.03
N ASP A 131 -7.88 8.18 6.35
CA ASP A 131 -8.87 9.12 6.87
C ASP A 131 -8.61 10.54 6.42
N ASP A 132 -7.36 10.87 6.10
CA ASP A 132 -7.00 12.21 5.65
C ASP A 132 -7.19 12.41 4.15
N TRP A 133 -7.51 11.36 3.40
CA TRP A 133 -7.48 11.42 1.94
C TRP A 133 -8.69 10.70 1.37
N GLU A 134 -9.38 11.37 0.44
CA GLU A 134 -10.52 10.79 -0.26
C GLU A 134 -10.06 10.28 -1.62
N SER A 135 -10.35 9.01 -1.90
CA SER A 135 -10.06 8.43 -3.21
C SER A 135 -11.11 8.93 -4.19
N VAL A 136 -10.69 9.78 -5.14
CA VAL A 136 -11.61 10.35 -6.11
C VAL A 136 -11.56 9.62 -7.45
N PHE A 137 -10.48 8.90 -7.73
CA PHE A 137 -10.30 8.22 -9.00
C PHE A 137 -9.45 6.97 -8.75
N SER A 138 -9.82 5.87 -9.40
CA SER A 138 -9.09 4.61 -9.23
C SER A 138 -9.37 3.73 -10.42
N GLU A 139 -8.32 3.27 -11.10
CA GLU A 139 -8.46 2.48 -12.32
C GLU A 139 -7.35 1.44 -12.38
N PHE A 140 -7.73 0.17 -12.50
CA PHE A 140 -6.79 -0.94 -12.54
C PHE A 140 -6.51 -1.37 -13.97
N HIS A 141 -5.26 -1.79 -14.21
CA HIS A 141 -4.82 -2.23 -15.53
C HIS A 141 -4.01 -3.51 -15.40
N ASP A 142 -4.32 -4.49 -16.25
CA ASP A 142 -3.50 -5.69 -16.34
C ASP A 142 -2.16 -5.39 -16.98
N ALA A 143 -1.19 -6.25 -16.71
CA ALA A 143 0.02 -6.26 -17.51
C ALA A 143 -0.34 -6.62 -18.95
N ASP A 144 0.52 -6.22 -19.88
CA ASP A 144 0.30 -6.54 -21.29
C ASP A 144 1.65 -6.64 -21.98
N ALA A 145 1.62 -6.73 -23.32
CA ALA A 145 2.84 -6.94 -24.08
C ALA A 145 3.83 -5.81 -23.92
N GLN A 146 3.37 -4.63 -23.48
CA GLN A 146 4.23 -3.47 -23.31
C GLN A 146 4.51 -3.13 -21.85
N ASN A 147 3.72 -3.65 -20.92
CA ASN A 147 3.84 -3.34 -19.49
C ASN A 147 4.07 -4.61 -18.70
N SER A 148 5.18 -4.65 -17.95
CA SER A 148 5.65 -5.89 -17.35
C SER A 148 4.87 -6.30 -16.10
N HIS A 149 4.16 -5.38 -15.46
CA HIS A 149 3.40 -5.67 -14.25
C HIS A 149 2.01 -5.08 -14.36
N SER A 150 1.10 -5.61 -13.57
CA SER A 150 -0.19 -4.97 -13.41
C SER A 150 -0.04 -3.75 -12.49
N TYR A 151 -0.96 -2.81 -12.63
CA TYR A 151 -0.83 -1.53 -11.96
C TYR A 151 -2.20 -0.87 -11.91
N SER A 152 -2.32 0.11 -11.02
CA SER A 152 -3.54 0.89 -10.92
C SER A 152 -3.20 2.34 -10.66
N PHE A 153 -3.96 3.24 -11.28
CA PHE A 153 -3.83 4.67 -11.07
C PHE A 153 -4.87 5.11 -10.07
N GLU A 154 -4.44 5.89 -9.08
CA GLU A 154 -5.34 6.42 -8.07
C GLU A 154 -5.04 7.90 -7.87
N ILE A 155 -6.09 8.70 -7.75
CA ILE A 155 -5.98 10.11 -7.37
C ILE A 155 -6.72 10.30 -6.06
N LEU A 156 -6.05 10.90 -5.10
CA LEU A 156 -6.64 11.20 -3.80
C LEU A 156 -6.58 12.70 -3.55
N GLU A 157 -7.60 13.21 -2.88
CA GLU A 157 -7.69 14.62 -2.52
C GLU A 157 -7.82 14.74 -1.01
N ARG A 158 -7.10 15.68 -0.43
CA ARG A 158 -6.99 15.75 1.02
C ARG A 158 -8.33 16.12 1.65
N ARG A 159 -8.73 15.36 2.65
CA ARG A 159 -9.93 15.66 3.42
C ARG A 159 -9.64 16.70 4.50
N GLY B 1 3.07 -15.42 -3.44
CA GLY B 1 2.41 -16.57 -2.77
C GLY B 1 1.26 -16.16 -1.87
N ILE B 2 0.60 -17.14 -1.27
CA ILE B 2 -0.59 -16.92 -0.46
C ILE B 2 -0.17 -16.82 1.00
N SER B 3 -0.66 -15.78 1.68
CA SER B 3 -0.39 -15.58 3.10
C SER B 3 -1.70 -15.42 3.85
N LEU B 4 -1.70 -15.90 5.09
CA LEU B 4 -2.78 -15.67 6.03
C LEU B 4 -2.32 -14.67 7.07
N ILE B 5 -3.23 -13.75 7.45
CA ILE B 5 -2.95 -12.82 8.53
C ILE B 5 -4.17 -12.81 9.46
N ALA B 6 -3.92 -12.97 10.76
CA ALA B 6 -4.99 -13.21 11.72
C ALA B 6 -4.55 -12.74 13.10
N ALA B 7 -5.53 -12.40 13.94
CA ALA B 7 -5.31 -12.04 15.32
C ALA B 7 -5.96 -13.11 16.20
N LEU B 8 -5.14 -13.80 17.00
CA LEU B 8 -5.58 -14.96 17.76
C LEU B 8 -5.59 -14.63 19.25
N ALA B 9 -6.75 -14.81 19.89
CA ALA B 9 -6.83 -14.79 21.34
C ALA B 9 -6.43 -16.16 21.88
N VAL B 10 -6.67 -16.39 23.18
CA VAL B 10 -6.41 -17.69 23.78
C VAL B 10 -7.16 -18.77 23.01
N ASP B 11 -6.54 -19.94 22.89
CA ASP B 11 -7.14 -21.10 22.24
C ASP B 11 -7.48 -20.79 20.78
N ARG B 12 -6.72 -19.89 20.17
CA ARG B 12 -6.84 -19.55 18.74
C ARG B 12 -8.21 -18.98 18.38
N VAL B 13 -8.97 -18.48 19.36
CA VAL B 13 -10.22 -17.81 19.05
C VAL B 13 -9.96 -16.57 18.21
N ILE B 14 -10.69 -16.44 17.11
CA ILE B 14 -10.56 -15.28 16.22
C ILE B 14 -11.86 -14.51 16.05
N GLY B 15 -13.00 -15.09 16.42
CA GLY B 15 -14.27 -14.42 16.15
C GLY B 15 -15.39 -14.95 17.00
N MET B 16 -16.48 -14.20 17.01
CA MET B 16 -17.68 -14.54 17.76
C MET B 16 -18.85 -13.80 17.12
N GLU B 17 -20.01 -13.85 17.77
CA GLU B 17 -21.20 -13.21 17.23
C GLU B 17 -21.06 -11.69 17.20
N ASN B 18 -20.43 -11.12 18.23
CA ASN B 18 -20.31 -9.68 18.38
C ASN B 18 -18.86 -9.24 18.24
N ALA B 19 -18.64 -7.93 18.28
CA ALA B 19 -17.30 -7.39 18.14
C ALA B 19 -16.39 -7.92 19.24
N MET B 20 -15.11 -8.11 18.90
CA MET B 20 -14.18 -8.68 19.85
C MET B 20 -13.95 -7.72 21.00
N PRO B 21 -13.79 -8.25 22.32
CA PRO B 21 -13.65 -7.38 23.51
C PRO B 21 -12.21 -6.94 23.73
N TRP B 22 -11.69 -6.13 22.80
CA TRP B 22 -10.34 -5.60 22.95
C TRP B 22 -10.21 -4.37 22.07
N ASN B 23 -9.12 -3.64 22.28
CA ASN B 23 -8.81 -2.45 21.50
C ASN B 23 -7.31 -2.47 21.26
N LEU B 24 -6.91 -2.82 20.04
CA LEU B 24 -5.51 -3.08 19.71
C LEU B 24 -5.13 -2.32 18.45
N PRO B 25 -5.06 -0.99 18.54
CA PRO B 25 -4.67 -0.21 17.35
C PRO B 25 -3.30 -0.57 16.80
N ALA B 26 -2.40 -1.07 17.65
CA ALA B 26 -1.10 -1.50 17.16
C ALA B 26 -1.24 -2.71 16.23
N ASP B 27 -2.18 -3.61 16.53
CA ASP B 27 -2.42 -4.74 15.65
C ASP B 27 -3.05 -4.30 14.33
N LEU B 28 -3.93 -3.31 14.37
CA LEU B 28 -4.56 -2.83 13.14
C LEU B 28 -3.54 -2.07 12.28
N ALA B 29 -2.59 -1.38 12.90
CA ALA B 29 -1.51 -0.77 12.14
C ALA B 29 -0.61 -1.83 11.53
N TRP B 30 -0.37 -2.92 12.26
CA TRP B 30 0.40 -4.03 11.74
C TRP B 30 -0.35 -4.73 10.61
N PHE B 31 -1.66 -4.87 10.75
CA PHE B 31 -2.48 -5.42 9.67
C PHE B 31 -2.41 -4.53 8.43
N LYS B 32 -2.56 -3.22 8.61
CA LYS B 32 -2.51 -2.31 7.48
C LYS B 32 -1.15 -2.37 6.78
N ARG B 33 -0.06 -2.33 7.56
CA ARG B 33 1.27 -2.33 6.97
C ARG B 33 1.47 -3.54 6.07
N ASN B 34 0.97 -4.70 6.48
CA ASN B 34 1.24 -5.94 5.78
C ASN B 34 0.23 -6.27 4.69
N THR B 35 -0.88 -5.54 4.59
CA THR B 35 -1.86 -5.77 3.53
C THR B 35 -1.98 -4.62 2.54
N LEU B 36 -1.41 -3.46 2.83
CA LEU B 36 -1.67 -2.29 2.00
C LEU B 36 -1.21 -2.52 0.57
N ASN B 37 -2.06 -2.14 -0.38
CA ASN B 37 -1.75 -2.24 -1.81
C ASN B 37 -1.50 -3.68 -2.24
N LYS B 38 -2.14 -4.61 -1.55
CA LYS B 38 -2.19 -6.02 -1.90
C LYS B 38 -3.65 -6.46 -1.97
N PRO B 39 -3.96 -7.50 -2.73
CA PRO B 39 -5.34 -8.01 -2.69
C PRO B 39 -5.60 -8.73 -1.38
N VAL B 40 -6.80 -8.52 -0.83
CA VAL B 40 -7.22 -9.18 0.39
C VAL B 40 -8.44 -10.04 0.07
N ILE B 41 -8.39 -11.30 0.49
CA ILE B 41 -9.50 -12.24 0.33
C ILE B 41 -10.14 -12.42 1.69
N MET B 42 -11.47 -12.37 1.73
CA MET B 42 -12.19 -12.53 2.99
C MET B 42 -13.52 -13.21 2.73
N GLY B 43 -14.04 -13.90 3.76
CA GLY B 43 -15.36 -14.45 3.68
C GLY B 43 -16.44 -13.42 3.94
N ARG B 44 -17.66 -13.79 3.56
CA ARG B 44 -18.78 -12.84 3.63
C ARG B 44 -18.97 -12.29 5.03
N HIS B 45 -18.84 -13.15 6.06
CA HIS B 45 -19.08 -12.71 7.42
C HIS B 45 -18.00 -11.74 7.90
N THR B 46 -16.74 -11.99 7.53
CA THR B 46 -15.70 -11.02 7.82
C THR B 46 -15.97 -9.70 7.12
N TRP B 47 -16.43 -9.75 5.87
CA TRP B 47 -16.79 -8.55 5.14
C TRP B 47 -17.86 -7.75 5.88
N GLU B 48 -18.91 -8.43 6.35
CA GLU B 48 -19.97 -7.75 7.09
C GLU B 48 -19.46 -7.19 8.40
N SER B 49 -18.50 -7.86 9.04
CA SER B 49 -17.97 -7.38 10.31
C SER B 49 -17.10 -6.14 10.11
N ILE B 50 -16.28 -6.12 9.06
CA ILE B 50 -15.46 -4.94 8.79
C ILE B 50 -16.36 -3.75 8.43
N GLY B 51 -17.41 -4.01 7.66
CA GLY B 51 -18.46 -3.02 7.45
C GLY B 51 -18.18 -2.00 6.37
N ARG B 52 -17.01 -2.06 5.73
CA ARG B 52 -16.66 -1.11 4.68
C ARG B 52 -15.52 -1.71 3.87
N PRO B 53 -15.29 -1.21 2.65
CA PRO B 53 -14.12 -1.67 1.90
C PRO B 53 -12.84 -1.18 2.56
N LEU B 54 -11.85 -2.06 2.62
CA LEU B 54 -10.55 -1.66 3.13
C LEU B 54 -9.85 -0.80 2.08
N PRO B 55 -9.48 0.44 2.38
CA PRO B 55 -8.95 1.33 1.34
C PRO B 55 -7.56 0.91 0.89
N GLY B 56 -7.25 1.22 -0.37
CA GLY B 56 -5.94 0.93 -0.90
C GLY B 56 -5.65 -0.53 -1.11
N ARG B 57 -6.68 -1.37 -1.16
CA ARG B 57 -6.54 -2.80 -1.37
C ARG B 57 -7.69 -3.28 -2.25
N LYS B 58 -7.41 -4.24 -3.13
CA LYS B 58 -8.48 -4.90 -3.86
C LYS B 58 -9.19 -5.86 -2.91
N ASN B 59 -10.46 -5.59 -2.65
CA ASN B 59 -11.27 -6.38 -1.72
C ASN B 59 -11.98 -7.49 -2.49
N ILE B 60 -11.71 -8.74 -2.12
CA ILE B 60 -12.31 -9.90 -2.76
C ILE B 60 -13.10 -10.65 -1.70
N ILE B 61 -14.40 -10.82 -1.93
CA ILE B 61 -15.32 -11.39 -0.96
C ILE B 61 -15.80 -12.74 -1.46
N LEU B 62 -15.64 -13.77 -0.65
CA LEU B 62 -16.17 -15.09 -0.96
C LEU B 62 -17.61 -15.21 -0.49
N SER B 63 -18.48 -15.70 -1.37
CA SER B 63 -19.87 -15.97 -1.02
C SER B 63 -20.48 -16.88 -2.08
N SER B 64 -21.34 -17.80 -1.64
CA SER B 64 -22.07 -18.64 -2.57
C SER B 64 -23.16 -17.87 -3.30
N GLN B 65 -23.54 -16.70 -2.80
CA GLN B 65 -24.66 -15.93 -3.32
C GLN B 65 -24.17 -14.69 -4.05
N PRO B 66 -24.99 -14.13 -4.94
CA PRO B 66 -24.59 -12.92 -5.67
C PRO B 66 -24.15 -11.81 -4.71
N GLY B 67 -23.21 -11.00 -5.18
CA GLY B 67 -22.69 -9.93 -4.36
C GLY B 67 -23.73 -8.86 -4.08
N THR B 68 -23.56 -8.17 -2.96
CA THR B 68 -24.49 -7.13 -2.51
C THR B 68 -23.80 -5.79 -2.29
N ASP B 69 -22.65 -5.57 -2.93
CA ASP B 69 -21.96 -4.29 -2.82
C ASP B 69 -20.98 -4.21 -3.98
N ASP B 70 -21.32 -3.40 -4.99
CA ASP B 70 -20.52 -3.34 -6.21
C ASP B 70 -19.18 -2.66 -6.01
N ARG B 71 -18.92 -2.05 -4.85
CA ARG B 71 -17.63 -1.43 -4.61
C ARG B 71 -16.50 -2.45 -4.48
N VAL B 72 -16.84 -3.73 -4.25
CA VAL B 72 -15.85 -4.77 -4.03
C VAL B 72 -16.12 -5.90 -5.00
N THR B 73 -15.18 -6.85 -5.05
CA THR B 73 -15.23 -7.98 -5.95
C THR B 73 -15.76 -9.21 -5.22
N TRP B 74 -16.76 -9.87 -5.80
CA TRP B 74 -17.37 -11.05 -5.23
C TRP B 74 -17.06 -12.27 -6.08
N VAL B 75 -16.76 -13.39 -5.42
CA VAL B 75 -16.41 -14.64 -6.08
C VAL B 75 -17.09 -15.79 -5.35
N LYS B 76 -17.28 -16.89 -6.08
CA LYS B 76 -18.05 -18.02 -5.59
C LYS B 76 -17.20 -19.26 -5.29
N SER B 77 -15.88 -19.16 -5.37
CA SER B 77 -15.04 -20.31 -5.08
C SER B 77 -13.62 -19.84 -4.75
N VAL B 78 -12.86 -20.74 -4.14
CA VAL B 78 -11.46 -20.45 -3.80
C VAL B 78 -10.67 -20.14 -5.05
N ASP B 79 -10.82 -20.98 -6.09
CA ASP B 79 -10.06 -20.76 -7.32
C ASP B 79 -10.41 -19.43 -7.96
N GLU B 80 -11.70 -19.05 -7.93
CA GLU B 80 -12.10 -17.75 -8.45
C GLU B 80 -11.52 -16.61 -7.62
N ALA B 81 -11.44 -16.80 -6.29
CA ALA B 81 -10.84 -15.78 -5.45
C ALA B 81 -9.37 -15.58 -5.80
N ILE B 82 -8.64 -16.68 -6.01
CA ILE B 82 -7.24 -16.58 -6.39
C ILE B 82 -7.10 -15.91 -7.75
N ALA B 83 -7.97 -16.28 -8.70
CA ALA B 83 -7.90 -15.70 -10.03
C ALA B 83 -8.15 -14.20 -10.00
N ALA B 84 -9.07 -13.76 -9.13
CA ALA B 84 -9.38 -12.34 -9.01
C ALA B 84 -8.20 -11.52 -8.49
N CYS B 85 -7.22 -12.16 -7.87
CA CYS B 85 -6.04 -11.45 -7.38
C CYS B 85 -5.08 -11.06 -8.49
N GLY B 86 -5.16 -11.72 -9.64
CA GLY B 86 -4.27 -11.40 -10.74
C GLY B 86 -2.85 -11.88 -10.49
N ASP B 87 -1.89 -11.15 -11.05
CA ASP B 87 -0.47 -11.47 -10.89
C ASP B 87 0.11 -10.49 -9.88
N VAL B 88 0.22 -10.92 -8.63
CA VAL B 88 0.71 -10.07 -7.55
C VAL B 88 1.77 -10.83 -6.76
N PRO B 89 2.65 -10.11 -6.05
CA PRO B 89 3.66 -10.81 -5.26
C PRO B 89 3.11 -11.53 -4.05
N GLU B 90 2.06 -11.03 -3.40
CA GLU B 90 1.57 -11.63 -2.16
C GLU B 90 0.07 -11.44 -2.04
N ILE B 91 -0.64 -12.56 -1.87
CA ILE B 91 -2.08 -12.57 -1.64
C ILE B 91 -2.33 -12.68 -0.14
N MET B 92 -3.15 -11.79 0.40
CA MET B 92 -3.39 -11.71 1.83
C MET B 92 -4.79 -12.21 2.15
N VAL B 93 -4.88 -13.31 2.88
CA VAL B 93 -6.16 -13.87 3.32
C VAL B 93 -6.40 -13.39 4.75
N ILE B 94 -7.50 -12.67 4.96
CA ILE B 94 -7.71 -11.91 6.18
C ILE B 94 -8.86 -12.46 7.01
N GLY B 95 -9.39 -13.62 6.66
CA GLY B 95 -10.41 -14.28 7.47
C GLY B 95 -11.67 -14.61 6.70
N GLY B 96 -12.63 -15.30 7.34
CA GLY B 96 -12.54 -15.74 8.72
C GLY B 96 -12.15 -17.21 8.86
N GLY B 97 -12.71 -17.87 9.87
CA GLY B 97 -12.30 -19.23 10.17
C GLY B 97 -12.48 -20.18 8.99
N ARG B 98 -13.67 -20.16 8.38
CA ARG B 98 -13.90 -21.05 7.25
C ARG B 98 -12.93 -20.77 6.11
N VAL B 99 -12.66 -19.49 5.83
CA VAL B 99 -11.75 -19.14 4.75
C VAL B 99 -10.32 -19.53 5.11
N TYR B 100 -9.89 -19.27 6.36
CA TYR B 100 -8.56 -19.69 6.78
C TYR B 100 -8.37 -21.18 6.58
N GLU B 101 -9.41 -21.97 6.86
CA GLU B 101 -9.29 -23.43 6.79
C GLU B 101 -9.00 -23.89 5.38
N GLN B 102 -9.61 -23.23 4.39
CA GLN B 102 -9.46 -23.64 3.01
C GLN B 102 -8.13 -23.17 2.41
N PHE B 103 -7.60 -22.04 2.88
CA PHE B 103 -6.39 -21.47 2.31
C PHE B 103 -5.12 -21.89 3.05
N LEU B 104 -5.23 -22.33 4.31
CA LEU B 104 -4.04 -22.72 5.07
C LEU B 104 -3.15 -23.70 4.31
N PRO B 105 -3.66 -24.78 3.71
CA PRO B 105 -2.76 -25.69 2.97
C PRO B 105 -2.10 -25.05 1.77
N LYS B 106 -2.63 -23.95 1.24
CA LYS B 106 -2.02 -23.23 0.13
C LYS B 106 -1.02 -22.18 0.57
N ALA B 107 -0.94 -21.89 1.87
CA ALA B 107 -0.22 -20.72 2.35
C ALA B 107 1.26 -20.99 2.53
N GLN B 108 2.08 -20.00 2.19
CA GLN B 108 3.51 -20.04 2.45
C GLN B 108 3.92 -19.17 3.63
N LYS B 109 3.02 -18.31 4.11
CA LYS B 109 3.32 -17.36 5.18
C LYS B 109 2.10 -17.27 6.11
N LEU B 110 2.36 -17.17 7.41
CA LEU B 110 1.34 -16.81 8.39
C LEU B 110 1.80 -15.57 9.15
N TYR B 111 0.98 -14.53 9.13
CA TYR B 111 1.15 -13.36 10.01
C TYR B 111 0.17 -13.52 11.17
N LEU B 112 0.68 -13.84 12.35
CA LEU B 112 -0.17 -14.12 13.50
C LEU B 112 0.08 -13.09 14.60
N THR B 113 -0.99 -12.51 15.10
CA THR B 113 -0.96 -11.71 16.32
C THR B 113 -1.54 -12.56 17.45
N HIS B 114 -0.71 -12.84 18.46
CA HIS B 114 -1.14 -13.60 19.62
C HIS B 114 -1.49 -12.63 20.73
N ILE B 115 -2.75 -12.64 21.15
CA ILE B 115 -3.30 -11.68 22.10
C ILE B 115 -3.52 -12.40 23.42
N ASP B 116 -3.07 -11.79 24.51
CA ASP B 116 -3.23 -12.36 25.85
C ASP B 116 -4.60 -11.98 26.40
N ALA B 117 -5.63 -12.54 25.77
CA ALA B 117 -7.01 -12.22 26.11
C ALA B 117 -7.86 -13.49 26.11
N GLU B 118 -8.62 -13.69 27.19
CA GLU B 118 -9.53 -14.82 27.31
C GLU B 118 -10.89 -14.41 26.73
N VAL B 119 -11.25 -14.99 25.60
CA VAL B 119 -12.45 -14.60 24.86
C VAL B 119 -13.27 -15.84 24.51
N GLU B 120 -14.57 -15.80 24.83
CA GLU B 120 -15.49 -16.84 24.41
C GLU B 120 -15.83 -16.60 22.94
N GLY B 121 -15.40 -17.50 22.06
CA GLY B 121 -15.67 -17.36 20.65
C GLY B 121 -16.10 -18.68 20.05
N ASP B 122 -16.79 -18.58 18.92
CA ASP B 122 -17.26 -19.74 18.18
C ASP B 122 -16.40 -20.04 16.96
N THR B 123 -15.39 -19.21 16.68
CA THR B 123 -14.58 -19.35 15.47
C THR B 123 -13.10 -19.31 15.87
N HIS B 124 -12.32 -20.24 15.33
CA HIS B 124 -10.91 -20.38 15.66
C HIS B 124 -10.07 -20.35 14.40
N PHE B 125 -8.82 -19.90 14.56
CA PHE B 125 -7.83 -20.11 13.52
C PHE B 125 -7.50 -21.60 13.44
N PRO B 126 -7.30 -22.14 12.24
CA PRO B 126 -7.07 -23.58 12.13
C PRO B 126 -5.85 -24.03 12.92
N ASP B 127 -5.92 -25.27 13.40
CA ASP B 127 -4.80 -25.86 14.13
C ASP B 127 -3.60 -25.99 13.19
N TYR B 128 -2.51 -25.33 13.53
CA TYR B 128 -1.27 -25.43 12.77
C TYR B 128 -0.20 -26.09 13.62
N GLU B 129 0.65 -26.86 12.97
CA GLU B 129 1.70 -27.61 13.65
C GLU B 129 2.98 -26.76 13.66
N PRO B 130 3.44 -26.28 14.83
CA PRO B 130 4.65 -25.45 14.85
C PRO B 130 5.84 -26.04 14.11
N ASP B 131 5.83 -27.36 13.90
CA ASP B 131 6.96 -28.01 13.23
C ASP B 131 6.96 -27.75 11.73
N ASP B 132 5.78 -27.50 11.13
CA ASP B 132 5.71 -27.20 9.71
C ASP B 132 6.14 -25.77 9.38
N TRP B 133 6.41 -24.94 10.37
CA TRP B 133 6.61 -23.52 10.15
C TRP B 133 7.84 -23.04 10.91
N GLU B 134 8.52 -22.05 10.32
CA GLU B 134 9.72 -21.46 10.89
C GLU B 134 9.44 -19.99 11.20
N SER B 135 9.67 -19.60 12.44
CA SER B 135 9.50 -18.21 12.84
C SER B 135 10.64 -17.37 12.27
N VAL B 136 10.29 -16.43 11.39
CA VAL B 136 11.27 -15.50 10.81
C VAL B 136 11.18 -14.11 11.41
N PHE B 137 10.15 -13.83 12.21
CA PHE B 137 9.99 -12.53 12.85
C PHE B 137 9.11 -12.75 14.08
N SER B 138 9.49 -12.11 15.19
CA SER B 138 8.78 -12.28 16.45
C SER B 138 9.05 -11.08 17.33
N GLU B 139 7.99 -10.45 17.83
CA GLU B 139 8.14 -9.25 18.66
C GLU B 139 7.00 -9.19 19.66
N PHE B 140 7.35 -9.11 20.95
CA PHE B 140 6.39 -9.06 22.04
C PHE B 140 6.16 -7.61 22.48
N HIS B 141 4.91 -7.29 22.83
CA HIS B 141 4.56 -5.96 23.28
C HIS B 141 3.68 -6.06 24.53
N ASP B 142 3.86 -5.12 25.44
CA ASP B 142 2.99 -5.01 26.60
C ASP B 142 1.73 -4.22 26.26
N ALA B 143 0.68 -4.44 27.05
CA ALA B 143 -0.45 -3.54 27.03
C ALA B 143 0.01 -2.14 27.43
N ASP B 144 -0.68 -1.12 26.91
CA ASP B 144 -0.34 0.25 27.24
C ASP B 144 -1.60 1.10 27.13
N ALA B 145 -1.41 2.42 27.15
CA ALA B 145 -2.56 3.34 27.17
C ALA B 145 -3.47 3.14 25.96
N GLN B 146 -2.92 2.70 24.83
CA GLN B 146 -3.69 2.58 23.60
C GLN B 146 -4.11 1.15 23.29
N ASN B 147 -3.46 0.16 23.87
CA ASN B 147 -3.75 -1.25 23.60
C ASN B 147 -4.16 -1.94 24.89
N SER B 148 -5.33 -2.59 24.86
CA SER B 148 -5.95 -3.11 26.07
C SER B 148 -5.30 -4.38 26.60
N HIS B 149 -4.63 -5.14 25.74
CA HIS B 149 -4.00 -6.39 26.15
C HIS B 149 -2.57 -6.42 25.64
N SER B 150 -1.77 -7.29 26.25
CA SER B 150 -0.45 -7.57 25.70
C SER B 150 -0.60 -8.51 24.50
N TYR B 151 0.36 -8.42 23.59
CA TYR B 151 0.24 -9.10 22.30
C TYR B 151 1.64 -9.31 21.74
N SER B 152 1.73 -10.22 20.78
CA SER B 152 2.98 -10.47 20.08
C SER B 152 2.70 -10.65 18.60
N PHE B 153 3.60 -10.15 17.77
CA PHE B 153 3.54 -10.37 16.33
C PHE B 153 4.50 -11.49 15.95
N GLU B 154 4.11 -12.29 14.98
CA GLU B 154 4.91 -13.43 14.56
C GLU B 154 4.65 -13.67 13.08
N ILE B 155 5.72 -13.81 12.30
CA ILE B 155 5.63 -14.21 10.91
C ILE B 155 6.25 -15.58 10.78
N LEU B 156 5.47 -16.54 10.28
CA LEU B 156 5.92 -17.90 10.08
C LEU B 156 5.96 -18.20 8.59
N GLU B 157 7.07 -18.76 8.13
CA GLU B 157 7.22 -19.18 6.73
C GLU B 157 7.23 -20.71 6.68
N ARG B 158 6.50 -21.26 5.71
CA ARG B 158 6.30 -22.70 5.67
C ARG B 158 7.63 -23.42 5.47
N ARG B 159 7.81 -24.51 6.23
CA ARG B 159 8.98 -25.36 6.09
C ARG B 159 8.76 -26.36 4.95
#